data_2HC7
# 
_entry.id   2HC7 
# 
_audit_conform.dict_name       mmcif_pdbx.dic 
_audit_conform.dict_version    5.377 
_audit_conform.dict_location   http://mmcif.pdb.org/dictionaries/ascii/mmcif_pdbx.dic 
# 
loop_
_database_2.database_id 
_database_2.database_code 
_database_2.pdbx_database_accession 
_database_2.pdbx_DOI 
PDB   2HC7         pdb_00002hc7 10.2210/pdb2hc7/pdb 
NDB   AD0065       ?            ?                   
RCSB  RCSB038185   ?            ?                   
WWPDB D_1000038185 ?            ?                   
# 
_pdbx_database_status.status_code                     REL 
_pdbx_database_status.entry_id                        2HC7 
_pdbx_database_status.recvd_initial_deposition_date   2006-06-15 
_pdbx_database_status.deposit_site                    RCSB 
_pdbx_database_status.process_site                    RCSB 
_pdbx_database_status.status_code_sf                  REL 
_pdbx_database_status.status_code_mr                  ? 
_pdbx_database_status.SG_entry                        ? 
_pdbx_database_status.pdb_format_compatible           Y 
_pdbx_database_status.status_code_cs                  ? 
_pdbx_database_status.status_code_nmr_data            ? 
_pdbx_database_status.methods_development_category    ? 
# 
loop_
_audit_author.name 
_audit_author.pdbx_ordinal 
'Jiang, J.' 1 
'Sheng, J.' 2 
'Huang, Z.' 3 
# 
_citation.id                        primary 
_citation.title                     
;Crystal Structure of 2'-Selenium modified T A-DNA G(TSe)GTACAC
;
_citation.journal_abbrev            'TO BE PUBLISHED' 
_citation.journal_volume            ? 
_citation.page_first                ? 
_citation.page_last                 ? 
_citation.year                      ? 
_citation.journal_id_ASTM           ? 
_citation.country                   ? 
_citation.journal_id_ISSN           ? 
_citation.journal_id_CSD            0353 
_citation.book_publisher            ? 
_citation.pdbx_database_id_PubMed   ? 
_citation.pdbx_database_id_DOI      ? 
# 
loop_
_citation_author.citation_id 
_citation_author.name 
_citation_author.ordinal 
_citation_author.identifier_ORCID 
primary 'Jiang, J.' 1 ? 
primary 'Sheng, J.' 2 ? 
primary 'Huang, Z.' 3 ? 
# 
_cell.entry_id           2HC7 
_cell.length_a           42.221 
_cell.length_b           42.221 
_cell.length_c           24.026 
_cell.angle_alpha        90.00 
_cell.angle_beta         90.00 
_cell.angle_gamma        90.00 
_cell.Z_PDB              8 
_cell.pdbx_unique_axis   ? 
_cell.length_a_esd       ? 
_cell.length_b_esd       ? 
_cell.length_c_esd       ? 
_cell.angle_alpha_esd    ? 
_cell.angle_beta_esd     ? 
_cell.angle_gamma_esd    ? 
# 
_symmetry.entry_id                         2HC7 
_symmetry.space_group_name_H-M             'P 43 21 2' 
_symmetry.pdbx_full_space_group_name_H-M   ? 
_symmetry.cell_setting                     ? 
_symmetry.Int_Tables_number                96 
_symmetry.space_group_name_Hall            ? 
# 
loop_
_entity.id 
_entity.type 
_entity.src_method 
_entity.pdbx_description 
_entity.formula_weight 
_entity.pdbx_number_of_molecules 
_entity.pdbx_ec 
_entity.pdbx_mutation 
_entity.pdbx_fragment 
_entity.details 
1 polymer syn "5'-D(*GP*(2ST)P*GP*TP*AP*CP*AP*C)-3'" 2519.604 1  ? ? ? ? 
2 water   nat water                                  18.015   43 ? ? ? ? 
# 
_entity_poly.entity_id                      1 
_entity_poly.type                           polydeoxyribonucleotide 
_entity_poly.nstd_linkage                   no 
_entity_poly.nstd_monomer                   yes 
_entity_poly.pdbx_seq_one_letter_code       '(DG)(2ST)(DG)(DT)(DA)(DC)(DA)(DC)' 
_entity_poly.pdbx_seq_one_letter_code_can   GTGTACAC 
_entity_poly.pdbx_strand_id                 A 
_entity_poly.pdbx_target_identifier         ? 
# 
loop_
_entity_poly_seq.entity_id 
_entity_poly_seq.num 
_entity_poly_seq.mon_id 
_entity_poly_seq.hetero 
1 1 DG  n 
1 2 2ST n 
1 3 DG  n 
1 4 DT  n 
1 5 DA  n 
1 6 DC  n 
1 7 DA  n 
1 8 DC  n 
# 
_pdbx_entity_src_syn.entity_id              1 
_pdbx_entity_src_syn.pdbx_src_id            1 
_pdbx_entity_src_syn.pdbx_alt_source_flag   sample 
_pdbx_entity_src_syn.pdbx_beg_seq_num       ? 
_pdbx_entity_src_syn.pdbx_end_seq_num       ? 
_pdbx_entity_src_syn.organism_scientific    ? 
_pdbx_entity_src_syn.organism_common_name   ? 
_pdbx_entity_src_syn.ncbi_taxonomy_id       ? 
_pdbx_entity_src_syn.details                'SOLID PHASE SYNTHESIS VIA PHOSPHORAMIDITE' 
# 
_struct_ref.id                         1 
_struct_ref.entity_id                  1 
_struct_ref.db_name                    PDB 
_struct_ref.db_code                    2HC7 
_struct_ref.pdbx_db_accession          2HC7 
_struct_ref.pdbx_db_isoform            ? 
_struct_ref.pdbx_seq_one_letter_code   ? 
_struct_ref.pdbx_align_begin           ? 
# 
_struct_ref_seq.align_id                      1 
_struct_ref_seq.ref_id                        1 
_struct_ref_seq.pdbx_PDB_id_code              2HC7 
_struct_ref_seq.pdbx_strand_id                A 
_struct_ref_seq.seq_align_beg                 1 
_struct_ref_seq.pdbx_seq_align_beg_ins_code   ? 
_struct_ref_seq.seq_align_end                 8 
_struct_ref_seq.pdbx_seq_align_end_ins_code   ? 
_struct_ref_seq.pdbx_db_accession             2HC7 
_struct_ref_seq.db_align_beg                  1 
_struct_ref_seq.pdbx_db_align_beg_ins_code    ? 
_struct_ref_seq.db_align_end                  8 
_struct_ref_seq.pdbx_db_align_end_ins_code    ? 
_struct_ref_seq.pdbx_auth_seq_align_beg       1 
_struct_ref_seq.pdbx_auth_seq_align_end       8 
# 
loop_
_chem_comp.id 
_chem_comp.type 
_chem_comp.mon_nstd_flag 
_chem_comp.name 
_chem_comp.pdbx_synonyms 
_chem_comp.formula 
_chem_comp.formula_weight 
2ST 'DNA linking' n 
;5-METHYL-2'-SE-METHYL-2'-SELENOURIDINE 5'-(DIHYDROGEN PHOSPHATE)
;
? 'C11 H17 N2 O8 P Se' 415.195 
DA  'DNA linking' y "2'-DEOXYADENOSINE-5'-MONOPHOSPHATE"                               ? 'C10 H14 N5 O6 P'    331.222 
DC  'DNA linking' y "2'-DEOXYCYTIDINE-5'-MONOPHOSPHATE"                                ? 'C9 H14 N3 O7 P'     307.197 
DG  'DNA linking' y "2'-DEOXYGUANOSINE-5'-MONOPHOSPHATE"                               ? 'C10 H14 N5 O7 P'    347.221 
DT  'DNA linking' y "THYMIDINE-5'-MONOPHOSPHATE"                                       ? 'C10 H15 N2 O8 P'    322.208 
HOH non-polymer   . WATER                                                              ? 'H2 O'               18.015  
# 
_exptl.entry_id          2HC7 
_exptl.method            'X-RAY DIFFRACTION' 
_exptl.crystals_number   1 
# 
_exptl_crystal.id                    1 
_exptl_crystal.density_meas          ? 
_exptl_crystal.density_Matthews      2.05 
_exptl_crystal.density_percent_sol   39.91 
_exptl_crystal.description           ? 
_exptl_crystal.F_000                 ? 
_exptl_crystal.preparation           ? 
# 
_exptl_crystal_grow.crystal_id      1 
_exptl_crystal_grow.method          'VAPOR DIFFUSION, HANGING DROP' 
_exptl_crystal_grow.temp            298 
_exptl_crystal_grow.temp_details    ? 
_exptl_crystal_grow.pH              6.0 
_exptl_crystal_grow.pdbx_details    
;10% MPD, 40 mM Na Cacodylate, 12 mM Sperimine tetra-HCI, 80 mM Sodium Chloride and 20 mM Magnesium Chloride, pH 6.0, VAPOR DIFFUSION, HANGING DROP, temperature 298K
;
_exptl_crystal_grow.pdbx_pH_range   . 
# 
loop_
_exptl_crystal_grow_comp.crystal_id 
_exptl_crystal_grow_comp.id 
_exptl_crystal_grow_comp.sol_id 
_exptl_crystal_grow_comp.name 
_exptl_crystal_grow_comp.volume 
_exptl_crystal_grow_comp.conc 
_exptl_crystal_grow_comp.details 
1 1  1 MPD                   ? ? ? 
1 2  1 'Na Cacodylate'       ? ? ? 
1 3  1 'Sperimine tetra-HCI' ? ? ? 
1 4  1 'Sodium Chloride'     ? ? ? 
1 5  1 'Magnesium Chloride'  ? ? ? 
1 6  1 H2O                   ? ? ? 
1 7  2 MPD                   ? ? ? 
1 8  2 'Na Cacodylate'       ? ? ? 
1 9  2 'Sodium Chloride'     ? ? ? 
1 10 2 'Magnesium Chloride'  ? ? ? 
# 
_diffrn.id                     1 
_diffrn.ambient_temp           100 
_diffrn.ambient_temp_details   ? 
_diffrn.crystal_id             1 
# 
_diffrn_detector.diffrn_id              1 
_diffrn_detector.detector               CCD 
_diffrn_detector.type                   'ADSC QUANTUM 210' 
_diffrn_detector.pdbx_collection_date   2006-06-01 
_diffrn_detector.details                ? 
# 
_diffrn_radiation.diffrn_id                        1 
_diffrn_radiation.wavelength_id                    1 
_diffrn_radiation.pdbx_monochromatic_or_laue_m_l   M 
_diffrn_radiation.monochromator                    Si 
_diffrn_radiation.pdbx_diffrn_protocol             'SINGLE WAVELENGTH' 
_diffrn_radiation.pdbx_scattering_type             x-ray 
# 
_diffrn_radiation_wavelength.id           1 
_diffrn_radiation_wavelength.wavelength   1.1 
_diffrn_radiation_wavelength.wt           1.0 
# 
_diffrn_source.diffrn_id                   1 
_diffrn_source.source                      SYNCHROTRON 
_diffrn_source.type                        'NSLS BEAMLINE X12C' 
_diffrn_source.pdbx_synchrotron_site       NSLS 
_diffrn_source.pdbx_synchrotron_beamline   X12C 
_diffrn_source.pdbx_wavelength             ? 
_diffrn_source.pdbx_wavelength_list        1.1 
# 
_reflns.entry_id                     2HC7 
_reflns.observed_criterion_sigma_I   1 
_reflns.observed_criterion_sigma_F   1 
_reflns.d_resolution_low             40 
_reflns.d_resolution_high            1.4 
_reflns.number_obs                   4577 
_reflns.number_all                   4577 
_reflns.percent_possible_obs         98.8 
_reflns.pdbx_Rmerge_I_obs            0.036 
_reflns.pdbx_Rsym_value              ? 
_reflns.pdbx_netI_over_sigmaI        13.1 
_reflns.B_iso_Wilson_estimate        16.1 
_reflns.pdbx_redundancy              12.7 
_reflns.R_free_details               ? 
_reflns.pdbx_chi_squared             ? 
_reflns.pdbx_scaling_rejects         ? 
_reflns.pdbx_diffrn_id               1 
_reflns.pdbx_ordinal                 1 
# 
_reflns_shell.d_res_high             1.40 
_reflns_shell.d_res_low              1.45 
_reflns_shell.percent_possible_all   92.3 
_reflns_shell.Rmerge_I_obs           0.343 
_reflns_shell.pdbx_Rsym_value        ? 
_reflns_shell.meanI_over_sigI_obs    2.1 
_reflns_shell.pdbx_redundancy        10.0 
_reflns_shell.percent_possible_obs   ? 
_reflns_shell.number_unique_all      ? 
_reflns_shell.number_measured_all    ? 
_reflns_shell.number_measured_obs    ? 
_reflns_shell.number_unique_obs      ? 
_reflns_shell.pdbx_chi_squared       ? 
_reflns_shell.pdbx_diffrn_id         ? 
_reflns_shell.pdbx_ordinal           1 
# 
_refine.entry_id                                 2HC7 
_refine.ls_number_reflns_obs                     4252 
_refine.ls_number_reflns_all                     4252 
_refine.pdbx_ls_sigma_I                          ? 
_refine.pdbx_ls_sigma_F                          2.5 
_refine.pdbx_data_cutoff_high_absF               711051.17 
_refine.pdbx_data_cutoff_low_absF                0.000000 
_refine.pdbx_data_cutoff_high_rms_absF           ? 
_refine.ls_d_res_low                             18.72 
_refine.ls_d_res_high                            1.40 
_refine.ls_percent_reflns_obs                    92.8 
_refine.ls_R_factor_obs                          0.17 
_refine.ls_R_factor_all                          0.172 
_refine.ls_R_factor_R_work                       0.17 
_refine.ls_R_factor_R_free                       0.187 
_refine.ls_R_factor_R_free_error                 0.009 
_refine.ls_R_factor_R_free_error_details         ? 
_refine.ls_percent_reflns_R_free                 10.2 
_refine.ls_number_reflns_R_free                  435 
_refine.ls_number_parameters                     ? 
_refine.ls_number_restraints                     ? 
_refine.occupancy_min                            ? 
_refine.occupancy_max                            ? 
_refine.correlation_coeff_Fo_to_Fc               ? 
_refine.correlation_coeff_Fo_to_Fc_free          ? 
_refine.B_iso_mean                               18.5 
_refine.aniso_B[1][1]                            -0.86 
_refine.aniso_B[2][2]                            -0.86 
_refine.aniso_B[3][3]                            1.71 
_refine.aniso_B[1][2]                            0.00 
_refine.aniso_B[1][3]                            0.00 
_refine.aniso_B[2][3]                            0.00 
_refine.solvent_model_details                    'FLAT MODEL' 
_refine.solvent_model_param_ksol                 0.34 
_refine.solvent_model_param_bsol                 45.0525 
_refine.pdbx_solvent_vdw_probe_radii             ? 
_refine.pdbx_solvent_ion_probe_radii             ? 
_refine.pdbx_solvent_shrinkage_radii             ? 
_refine.pdbx_ls_cross_valid_method               THROUGHOUT 
_refine.details                                  ? 
_refine.pdbx_starting_model                      'pdb entry 1Z7I' 
_refine.pdbx_method_to_determine_struct          'MOLECULAR REPLACEMENT' 
_refine.pdbx_isotropic_thermal_model             RESTRAINED 
_refine.pdbx_stereochemistry_target_values       DNA-RNA 
_refine.pdbx_stereochem_target_val_spec_case     ? 
_refine.pdbx_R_Free_selection_details            RANDOM 
_refine.pdbx_overall_ESU_R                       ? 
_refine.pdbx_overall_ESU_R_Free                  ? 
_refine.overall_SU_ML                            ? 
_refine.overall_SU_B                             ? 
_refine.ls_redundancy_reflns_obs                 ? 
_refine.overall_SU_R_Cruickshank_DPI             ? 
_refine.overall_SU_R_free                        ? 
_refine.ls_wR_factor_R_free                      ? 
_refine.ls_wR_factor_R_work                      ? 
_refine.overall_FOM_free_R_set                   ? 
_refine.overall_FOM_work_R_set                   ? 
_refine.pdbx_refine_id                           'X-RAY DIFFRACTION' 
_refine.pdbx_diffrn_id                           1 
_refine.pdbx_TLS_residual_ADP_flag               ? 
_refine.pdbx_overall_phase_error                 ? 
_refine.pdbx_overall_SU_R_free_Cruickshank_DPI   ? 
_refine.pdbx_overall_SU_R_Blow_DPI               ? 
_refine.pdbx_overall_SU_R_free_Blow_DPI          ? 
# 
_refine_analyze.entry_id                        2HC7 
_refine_analyze.Luzzati_coordinate_error_obs    0.13 
_refine_analyze.Luzzati_sigma_a_obs             0.08 
_refine_analyze.Luzzati_d_res_low_obs           5.00 
_refine_analyze.Luzzati_coordinate_error_free   0.15 
_refine_analyze.Luzzati_sigma_a_free            0.08 
_refine_analyze.Luzzati_d_res_low_free          ? 
_refine_analyze.number_disordered_residues      ? 
_refine_analyze.occupancy_sum_hydrogen          ? 
_refine_analyze.occupancy_sum_non_hydrogen      ? 
_refine_analyze.pdbx_refine_id                  'X-RAY DIFFRACTION' 
# 
_refine_hist.pdbx_refine_id                   'X-RAY DIFFRACTION' 
_refine_hist.cycle_id                         LAST 
_refine_hist.pdbx_number_atoms_protein        0 
_refine_hist.pdbx_number_atoms_nucleic_acid   163 
_refine_hist.pdbx_number_atoms_ligand         0 
_refine_hist.number_atoms_solvent             43 
_refine_hist.number_atoms_total               206 
_refine_hist.d_res_high                       1.40 
_refine_hist.d_res_low                        18.72 
# 
loop_
_refine_ls_restr.type 
_refine_ls_restr.dev_ideal 
_refine_ls_restr.dev_ideal_target 
_refine_ls_restr.weight 
_refine_ls_restr.number 
_refine_ls_restr.pdbx_refine_id 
_refine_ls_restr.pdbx_restraint_function 
c_bond_d           0.015 ? ? ? 'X-RAY DIFFRACTION' ? 
c_angle_deg        1.9   ? ? ? 'X-RAY DIFFRACTION' ? 
c_dihedral_angle_d 34.3  ? ? ? 'X-RAY DIFFRACTION' ? 
c_improper_angle_d 2.04  ? ? ? 'X-RAY DIFFRACTION' ? 
# 
_refine_ls_shell.pdbx_total_number_of_bins_used   6 
_refine_ls_shell.d_res_high                       1.40 
_refine_ls_shell.d_res_low                        1.49 
_refine_ls_shell.number_reflns_R_work             492 
_refine_ls_shell.R_factor_R_work                  0.221 
_refine_ls_shell.percent_reflns_obs               73.7 
_refine_ls_shell.R_factor_R_free                  0.244 
_refine_ls_shell.R_factor_R_free_error            0.034 
_refine_ls_shell.percent_reflns_R_free            9.6 
_refine_ls_shell.number_reflns_R_free             52 
_refine_ls_shell.number_reflns_all                ? 
_refine_ls_shell.R_factor_all                     ? 
_refine_ls_shell.number_reflns_obs                492 
_refine_ls_shell.redundancy_reflns_obs            ? 
_refine_ls_shell.pdbx_refine_id                   'X-RAY DIFFRACTION' 
# 
loop_
_pdbx_xplor_file.serial_no 
_pdbx_xplor_file.param_file 
_pdbx_xplor_file.topol_file 
_pdbx_xplor_file.pdbx_refine_id 
1 protein_rep.param protein.top 'X-RAY DIFFRACTION' 
2 water_rep.param   dna-rna.top 'X-RAY DIFFRACTION' 
3 ion.param         water.top   'X-RAY DIFFRACTION' 
4 dna-rna_ums.par   ion.top     'X-RAY DIFFRACTION' 
5 cac.par           ums.top     'X-RAY DIFFRACTION' 
# 
_struct.entry_id                  2HC7 
_struct.title                     
;2'-selenium-T A-DNA [G(TSe)GTACAC]
;
_struct.pdbx_model_details        ? 
_struct.pdbx_CASP_flag            ? 
_struct.pdbx_model_type_details   ? 
# 
_struct_keywords.entry_id        2HC7 
_struct_keywords.pdbx_keywords   DNA 
_struct_keywords.text            
;SE-DNA, 2'-SE-T-DNA, DNA
;
# 
loop_
_struct_asym.id 
_struct_asym.pdbx_blank_PDB_chainid_flag 
_struct_asym.pdbx_modified 
_struct_asym.entity_id 
_struct_asym.details 
A N N 1 ? 
B N N 2 ? 
# 
loop_
_struct_conn.id 
_struct_conn.conn_type_id 
_struct_conn.pdbx_leaving_atom_flag 
_struct_conn.pdbx_PDB_id 
_struct_conn.ptnr1_label_asym_id 
_struct_conn.ptnr1_label_comp_id 
_struct_conn.ptnr1_label_seq_id 
_struct_conn.ptnr1_label_atom_id 
_struct_conn.pdbx_ptnr1_label_alt_id 
_struct_conn.pdbx_ptnr1_PDB_ins_code 
_struct_conn.pdbx_ptnr1_standard_comp_id 
_struct_conn.ptnr1_symmetry 
_struct_conn.ptnr2_label_asym_id 
_struct_conn.ptnr2_label_comp_id 
_struct_conn.ptnr2_label_seq_id 
_struct_conn.ptnr2_label_atom_id 
_struct_conn.pdbx_ptnr2_label_alt_id 
_struct_conn.pdbx_ptnr2_PDB_ins_code 
_struct_conn.ptnr1_auth_asym_id 
_struct_conn.ptnr1_auth_comp_id 
_struct_conn.ptnr1_auth_seq_id 
_struct_conn.ptnr2_auth_asym_id 
_struct_conn.ptnr2_auth_comp_id 
_struct_conn.ptnr2_auth_seq_id 
_struct_conn.ptnr2_symmetry 
_struct_conn.pdbx_ptnr3_label_atom_id 
_struct_conn.pdbx_ptnr3_label_seq_id 
_struct_conn.pdbx_ptnr3_label_comp_id 
_struct_conn.pdbx_ptnr3_label_asym_id 
_struct_conn.pdbx_ptnr3_label_alt_id 
_struct_conn.pdbx_ptnr3_PDB_ins_code 
_struct_conn.details 
_struct_conn.pdbx_dist_value 
_struct_conn.pdbx_value_order 
_struct_conn.pdbx_role 
covale1  covale both ? A DG  1 "O3'" ? ? ? 1_555 A 2ST 2 P  ? ? A DG  1 A 2ST 2 1_555 ? ? ? ? ? ? ?            1.611 ? ? 
covale2  covale both ? A 2ST 2 "O3'" ? ? ? 1_555 A DG  3 P  ? ? A 2ST 2 A DG  3 1_555 ? ? ? ? ? ? ?            1.619 ? ? 
hydrog1  hydrog ?    ? A DG  1 N1    ? ? ? 1_555 A DC  8 N3 ? ? A DG  1 A DC  8 8_665 ? ? ? ? ? ? WATSON-CRICK ?     ? ? 
hydrog2  hydrog ?    ? A DG  1 N2    ? ? ? 1_555 A DC  8 O2 ? ? A DG  1 A DC  8 8_665 ? ? ? ? ? ? WATSON-CRICK ?     ? ? 
hydrog3  hydrog ?    ? A DG  1 O6    ? ? ? 1_555 A DC  8 N4 ? ? A DG  1 A DC  8 8_665 ? ? ? ? ? ? WATSON-CRICK ?     ? ? 
hydrog4  hydrog ?    ? A 2ST 2 N3    ? ? ? 1_555 A DA  7 N1 ? ? A 2ST 2 A DA  7 8_665 ? ? ? ? ? ? WATSON-CRICK ?     ? ? 
hydrog5  hydrog ?    ? A 2ST 2 O4    ? ? ? 1_555 A DA  7 N6 ? ? A 2ST 2 A DA  7 8_665 ? ? ? ? ? ? WATSON-CRICK ?     ? ? 
hydrog6  hydrog ?    ? A DG  3 N1    ? ? ? 1_555 A DC  6 N3 ? ? A DG  3 A DC  6 8_665 ? ? ? ? ? ? WATSON-CRICK ?     ? ? 
hydrog7  hydrog ?    ? A DG  3 N2    ? ? ? 1_555 A DC  6 O2 ? ? A DG  3 A DC  6 8_665 ? ? ? ? ? ? WATSON-CRICK ?     ? ? 
hydrog8  hydrog ?    ? A DG  3 O6    ? ? ? 1_555 A DC  6 N4 ? ? A DG  3 A DC  6 8_665 ? ? ? ? ? ? WATSON-CRICK ?     ? ? 
hydrog9  hydrog ?    ? A DT  4 N3    ? ? ? 1_555 A DA  5 N1 ? ? A DT  4 A DA  5 8_665 ? ? ? ? ? ? WATSON-CRICK ?     ? ? 
hydrog10 hydrog ?    ? A DT  4 O4    ? ? ? 1_555 A DA  5 N6 ? ? A DT  4 A DA  5 8_665 ? ? ? ? ? ? WATSON-CRICK ?     ? ? 
hydrog11 hydrog ?    ? A DA  5 N1    ? ? ? 1_555 A DT  4 N3 ? ? A DA  5 A DT  4 8_665 ? ? ? ? ? ? WATSON-CRICK ?     ? ? 
hydrog12 hydrog ?    ? A DA  5 N6    ? ? ? 1_555 A DT  4 O4 ? ? A DA  5 A DT  4 8_665 ? ? ? ? ? ? WATSON-CRICK ?     ? ? 
hydrog13 hydrog ?    ? A DC  6 N3    ? ? ? 1_555 A DG  3 N1 ? ? A DC  6 A DG  3 8_665 ? ? ? ? ? ? WATSON-CRICK ?     ? ? 
hydrog14 hydrog ?    ? A DC  6 N4    ? ? ? 1_555 A DG  3 O6 ? ? A DC  6 A DG  3 8_665 ? ? ? ? ? ? WATSON-CRICK ?     ? ? 
hydrog15 hydrog ?    ? A DC  6 O2    ? ? ? 1_555 A DG  3 N2 ? ? A DC  6 A DG  3 8_665 ? ? ? ? ? ? WATSON-CRICK ?     ? ? 
hydrog16 hydrog ?    ? A DA  7 N1    ? ? ? 1_555 A 2ST 2 N3 ? ? A DA  7 A 2ST 2 8_665 ? ? ? ? ? ? WATSON-CRICK ?     ? ? 
hydrog17 hydrog ?    ? A DA  7 N6    ? ? ? 1_555 A 2ST 2 O4 ? ? A DA  7 A 2ST 2 8_665 ? ? ? ? ? ? WATSON-CRICK ?     ? ? 
hydrog18 hydrog ?    ? A DC  8 N3    ? ? ? 1_555 A DG  1 N1 ? ? A DC  8 A DG  1 8_665 ? ? ? ? ? ? WATSON-CRICK ?     ? ? 
hydrog19 hydrog ?    ? A DC  8 N4    ? ? ? 1_555 A DG  1 O6 ? ? A DC  8 A DG  1 8_665 ? ? ? ? ? ? WATSON-CRICK ?     ? ? 
hydrog20 hydrog ?    ? A DC  8 O2    ? ? ? 1_555 A DG  1 N2 ? ? A DC  8 A DG  1 8_665 ? ? ? ? ? ? WATSON-CRICK ?     ? ? 
# 
loop_
_struct_conn_type.id 
_struct_conn_type.criteria 
_struct_conn_type.reference 
covale ? ? 
hydrog ? ? 
# 
_atom_sites.entry_id                    2HC7 
_atom_sites.fract_transf_matrix[1][1]   -0.00535432 
_atom_sites.fract_transf_matrix[1][2]   -0.02306171 
_atom_sites.fract_transf_matrix[1][3]   0.00068408 
_atom_sites.fract_transf_matrix[2][1]   0.00032697 
_atom_sites.fract_transf_matrix[2][2]   0.00062634 
_atom_sites.fract_transf_matrix[2][3]   0.02367446 
_atom_sites.fract_transf_matrix[3][1]   -0.04054044 
_atom_sites.fract_transf_matrix[3][2]   0.00942163 
_atom_sites.fract_transf_matrix[3][3]   0.00031065 
_atom_sites.fract_transf_vector[1]      0.266673 
_atom_sites.fract_transf_vector[2]      0.704519 
_atom_sites.fract_transf_vector[3]      0.153952 
# 
loop_
_atom_type.symbol 
C  
N  
O  
P  
SE 
# 
loop_
_atom_site.group_PDB 
_atom_site.id 
_atom_site.type_symbol 
_atom_site.label_atom_id 
_atom_site.label_alt_id 
_atom_site.label_comp_id 
_atom_site.label_asym_id 
_atom_site.label_entity_id 
_atom_site.label_seq_id 
_atom_site.pdbx_PDB_ins_code 
_atom_site.Cartn_x 
_atom_site.Cartn_y 
_atom_site.Cartn_z 
_atom_site.occupancy 
_atom_site.B_iso_or_equiv 
_atom_site.pdbx_formal_charge 
_atom_site.auth_seq_id 
_atom_site.auth_comp_id 
_atom_site.auth_asym_id 
_atom_site.auth_atom_id 
_atom_site.pdbx_PDB_model_num 
ATOM   1   O  "O5'" . DG  A 1 1 ? -8.260  -0.949  -10.498 1.00 15.17 ? 1  DG  A "O5'" 1 
ATOM   2   C  "C5'" . DG  A 1 1 ? -8.088  -1.098  -11.913 1.00 14.19 ? 1  DG  A "C5'" 1 
ATOM   3   C  "C4'" . DG  A 1 1 ? -7.060  -0.164  -12.517 1.00 13.72 ? 1  DG  A "C4'" 1 
ATOM   4   O  "O4'" . DG  A 1 1 ? -7.557  1.198   -12.391 1.00 13.82 ? 1  DG  A "O4'" 1 
ATOM   5   C  "C3'" . DG  A 1 1 ? -5.699  -0.123  -11.817 1.00 13.29 ? 1  DG  A "C3'" 1 
ATOM   6   O  "O3'" . DG  A 1 1 ? -4.808  -1.117  -12.321 1.00 14.52 ? 1  DG  A "O3'" 1 
ATOM   7   C  "C2'" . DG  A 1 1 ? -5.213  1.292   -12.106 1.00 13.60 ? 1  DG  A "C2'" 1 
ATOM   8   C  "C1'" . DG  A 1 1 ? -6.469  2.117   -12.175 1.00 12.25 ? 1  DG  A "C1'" 1 
ATOM   9   N  N9    . DG  A 1 1 ? -6.760  2.623   -10.813 1.00 12.95 ? 1  DG  A N9    1 
ATOM   10  C  C8    . DG  A 1 1 ? -7.591  2.109   -9.848  1.00 12.88 ? 1  DG  A C8    1 
ATOM   11  N  N7    . DG  A 1 1 ? -7.577  2.801   -8.734  1.00 13.37 ? 1  DG  A N7    1 
ATOM   12  C  C5    . DG  A 1 1 ? -6.679  3.833   -8.979  1.00 13.33 ? 1  DG  A C5    1 
ATOM   13  C  C6    . DG  A 1 1 ? -6.226  4.940   -8.135  1.00 14.83 ? 1  DG  A C6    1 
ATOM   14  O  O6    . DG  A 1 1 ? -6.579  5.209   -6.975  1.00 16.47 ? 1  DG  A O6    1 
ATOM   15  N  N1    . DG  A 1 1 ? -5.321  5.761   -8.807  1.00 15.48 ? 1  DG  A N1    1 
ATOM   16  C  C2    . DG  A 1 1 ? -4.898  5.570   -10.095 1.00 16.01 ? 1  DG  A C2    1 
ATOM   17  N  N2    . DG  A 1 1 ? -4.038  6.458   -10.580 1.00 17.73 ? 1  DG  A N2    1 
ATOM   18  N  N3    . DG  A 1 1 ? -5.298  4.561   -10.875 1.00 14.60 ? 1  DG  A N3    1 
ATOM   19  C  C4    . DG  A 1 1 ? -6.172  3.742   -10.254 1.00 13.15 ? 1  DG  A C4    1 
HETATM 20  P  P     . 2ST A 1 2 ? -3.701  -1.771  -11.350 1.00 15.26 ? 2  2ST A P     1 
HETATM 21  O  OP1   . 2ST A 1 2 ? -3.041  -2.784  -12.183 1.00 17.23 ? 2  2ST A OP1   1 
HETATM 22  O  OP2   . 2ST A 1 2 ? -4.294  -2.127  -10.029 1.00 16.64 ? 2  2ST A OP2   1 
HETATM 23  O  "O5'" . 2ST A 1 2 ? -2.644  -0.608  -11.096 1.00 15.20 ? 2  2ST A "O5'" 1 
HETATM 24  N  N1    . 2ST A 1 2 ? -2.236  2.863   -9.222  1.00 14.59 ? 2  2ST A N1    1 
HETATM 25  C  C6    . 2ST A 1 2 ? -3.123  1.812   -9.025  1.00 14.61 ? 2  2ST A C6    1 
HETATM 26  C  C2    . 2ST A 1 2 ? -2.120  3.885   -8.290  1.00 15.87 ? 2  2ST A C2    1 
HETATM 27  O  O2    . 2ST A 1 2 ? -1.296  4.777   -8.411  1.00 17.16 ? 2  2ST A O2    1 
HETATM 28  N  N3    . 2ST A 1 2 ? -2.957  3.827   -7.205  1.00 13.56 ? 2  2ST A N3    1 
HETATM 29  C  C4    . 2ST A 1 2 ? -3.891  2.847   -6.910  1.00 14.35 ? 2  2ST A C4    1 
HETATM 30  O  O4    . 2ST A 1 2 ? -4.581  2.943   -5.906  1.00 14.32 ? 2  2ST A O4    1 
HETATM 31  C  C5    . 2ST A 1 2 ? -3.964  1.730   -7.909  1.00 14.34 ? 2  2ST A C5    1 
HETATM 32  C  C5A   . 2ST A 1 2 ? -4.927  0.601   -7.670  1.00 14.88 ? 2  2ST A C5A   1 
HETATM 33  C  "C2'" . 2ST A 1 2 ? -0.020  2.358   -10.041 1.00 16.05 ? 2  2ST A "C2'" 1 
HETATM 34  C  "C5'" . 2ST A 1 2 ? -1.870  -0.112  -12.170 1.00 15.22 ? 2  2ST A "C5'" 1 
HETATM 35  C  "C4'" . 2ST A 1 2 ? -1.043  1.063   -11.719 1.00 14.81 ? 2  2ST A "C4'" 1 
HETATM 36  O  "O4'" . 2ST A 1 2 ? -1.956  2.133   -11.390 1.00 13.77 ? 2  2ST A "O4'" 1 
HETATM 37  C  "C1'" . 2ST A 1 2 ? -1.330  2.991   -10.412 1.00 15.02 ? 2  2ST A "C1'" 1 
HETATM 38  C  "C3'" . 2ST A 1 2 ? -0.276  0.910   -10.423 1.00 16.90 ? 2  2ST A "C3'" 1 
HETATM 39  SE SE    . 2ST A 1 2 ? 1.350   3.233   -11.303 0.93 16.90 ? 2  2ST A SE    1 
HETATM 40  C  "CA'" . 2ST A 1 2 ? 1.688   4.894   -10.319 1.00 19.14 ? 2  2ST A "CA'" 1 
HETATM 41  O  "O3'" . 2ST A 1 2 ? 0.926   0.272   -10.567 1.00 19.32 ? 2  2ST A "O3'" 1 
ATOM   42  P  P     . DG  A 1 3 ? 1.441   -0.663  -9.350  1.00 21.88 ? 3  DG  A P     1 
ATOM   43  O  OP1   . DG  A 1 3 ? 2.428   -1.357  -10.081 1.00 21.10 ? 3  DG  A OP1   1 
ATOM   44  O  OP2   . DG  A 1 3 ? 0.327   -1.372  -8.690  1.00 22.30 ? 3  DG  A OP2   1 
ATOM   45  O  "O5'" . DG  A 1 3 ? 2.037   0.293   -8.227  1.00 21.22 ? 3  DG  A "O5'" 1 
ATOM   46  C  "C5'" . DG  A 1 3 ? 3.077   1.152   -8.565  1.00 20.79 ? 3  DG  A "C5'" 1 
ATOM   47  C  "C4'" . DG  A 1 3 ? 3.178   2.269   -7.564  1.00 18.42 ? 3  DG  A "C4'" 1 
ATOM   48  O  "O4'" . DG  A 1 3 ? 1.857   2.881   -7.525  1.00 18.50 ? 3  DG  A "O4'" 1 
ATOM   49  C  "C3'" . DG  A 1 3 ? 3.454   1.897   -6.108  1.00 18.08 ? 3  DG  A "C3'" 1 
ATOM   50  O  "O3'" . DG  A 1 3 ? 4.858   1.788   -5.830  1.00 17.08 ? 3  DG  A "O3'" 1 
ATOM   51  C  "C2'" . DG  A 1 3 ? 2.859   3.089   -5.376  1.00 17.59 ? 3  DG  A "C2'" 1 
ATOM   52  C  "C1'" . DG  A 1 3 ? 1.738   3.598   -6.289  1.00 15.77 ? 3  DG  A "C1'" 1 
ATOM   53  N  N9    . DG  A 1 3 ? 0.498   3.031   -5.709  1.00 14.62 ? 3  DG  A N9    1 
ATOM   54  C  C8    . DG  A 1 3 ? -0.232  1.920   -6.046  1.00 15.31 ? 3  DG  A C8    1 
ATOM   55  N  N7    . DG  A 1 3 ? -1.276  1.730   -5.277  1.00 14.78 ? 3  DG  A N7    1 
ATOM   56  C  C5    . DG  A 1 3 ? -1.231  2.791   -4.367  1.00 12.54 ? 3  DG  A C5    1 
ATOM   57  C  C6    . DG  A 1 3 ? -2.122  3.159   -3.247  1.00 11.74 ? 3  DG  A C6    1 
ATOM   58  O  O6    . DG  A 1 3 ? -3.170  2.625   -2.868  1.00 13.34 ? 3  DG  A O6    1 
ATOM   59  N  N1    . DG  A 1 3 ? -1.667  4.306   -2.597  1.00 12.59 ? 3  DG  A N1    1 
ATOM   60  C  C2    . DG  A 1 3 ? -0.551  5.014   -2.939  1.00 12.28 ? 3  DG  A C2    1 
ATOM   61  N  N2    . DG  A 1 3 ? -0.277  6.108   -2.189  1.00 13.69 ? 3  DG  A N2    1 
ATOM   62  N  N3    . DG  A 1 3 ? 0.256   4.697   -3.949  1.00 13.97 ? 3  DG  A N3    1 
ATOM   63  C  C4    . DG  A 1 3 ? -0.150  3.593   -4.611  1.00 13.22 ? 3  DG  A C4    1 
ATOM   64  P  P     . DT  A 1 4 ? 5.344   1.066   -4.475  1.00 17.76 ? 4  DT  A P     1 
ATOM   65  O  OP1   . DT  A 1 4 ? 6.823   0.903   -4.691  1.00 20.95 ? 4  DT  A OP1   1 
ATOM   66  O  OP2   . DT  A 1 4 ? 4.547   -0.069  -4.127  1.00 18.51 ? 4  DT  A OP2   1 
ATOM   67  O  "O5'" . DT  A 1 4 ? 5.052   2.168   -3.346  1.00 16.35 ? 4  DT  A "O5'" 1 
ATOM   68  C  "C5'" . DT  A 1 4 ? 5.706   3.432   -3.352  1.00 16.27 ? 4  DT  A "C5'" 1 
ATOM   69  C  "C4'" . DT  A 1 4 ? 5.271   4.261   -2.165  1.00 15.10 ? 4  DT  A "C4'" 1 
ATOM   70  O  "O4'" . DT  A 1 4 ? 3.837   4.495   -2.281  1.00 14.35 ? 4  DT  A "O4'" 1 
ATOM   71  C  "C3'" . DT  A 1 4 ? 5.413   3.540   -0.824  1.00 15.14 ? 4  DT  A "C3'" 1 
ATOM   72  O  "O3'" . DT  A 1 4 ? 6.703   3.765   -0.285  1.00 16.02 ? 4  DT  A "O3'" 1 
ATOM   73  C  "C2'" . DT  A 1 4 ? 4.349   4.219   0.028   1.00 14.11 ? 4  DT  A "C2'" 1 
ATOM   74  C  "C1'" . DT  A 1 4 ? 3.267   4.609   -0.958  1.00 13.39 ? 4  DT  A "C1'" 1 
ATOM   75  N  N1    . DT  A 1 4 ? 2.170   3.547   -1.002  1.00 12.43 ? 4  DT  A N1    1 
ATOM   76  C  C2    . DT  A 1 4 ? 1.143   3.713   -0.080  1.00 11.72 ? 4  DT  A C2    1 
ATOM   77  O  O2    . DT  A 1 4 ? 1.173   4.590   0.773   1.00 12.68 ? 4  DT  A O2    1 
ATOM   78  N  N3    . DT  A 1 4 ? 0.109   2.803   -0.143  1.00 11.64 ? 4  DT  A N3    1 
ATOM   79  C  C4    . DT  A 1 4 ? 0.017   1.711   -1.009  1.00 11.60 ? 4  DT  A C4    1 
ATOM   80  O  O4    . DT  A 1 4 ? -0.953  0.982   -0.981  1.00 12.66 ? 4  DT  A O4    1 
ATOM   81  C  C5    . DT  A 1 4 ? 1.166   1.535   -1.928  1.00 11.87 ? 4  DT  A C5    1 
ATOM   82  C  C7    . DT  A 1 4 ? 1.191   0.385   -2.871  1.00 13.87 ? 4  DT  A C7    1 
ATOM   83  C  C6    . DT  A 1 4 ? 2.182   2.467   -1.883  1.00 12.81 ? 4  DT  A C6    1 
ATOM   84  P  P     . DA  A 1 5 ? 7.235   2.816   0.876   1.00 17.81 ? 5  DA  A P     1 
ATOM   85  O  OP1   . DA  A 1 5 ? 8.702   3.124   0.906   1.00 21.22 ? 5  DA  A OP1   1 
ATOM   86  O  OP2   . DA  A 1 5 ? 6.770   1.450   0.681   1.00 20.16 ? 5  DA  A OP2   1 
ATOM   87  O  "O5'" . DA  A 1 5 ? 6.501   3.431   2.153   1.00 15.52 ? 5  DA  A "O5'" 1 
ATOM   88  C  "C5'" . DA  A 1 5 ? 6.031   2.608   3.189   1.00 15.03 ? 5  DA  A "C5'" 1 
ATOM   89  C  "C4'" . DA  A 1 5 ? 5.147   3.442   4.085   1.00 12.86 ? 5  DA  A "C4'" 1 
ATOM   90  O  "O4'" . DA  A 1 5 ? 3.989   3.795   3.281   1.00 13.89 ? 5  DA  A "O4'" 1 
ATOM   91  C  "C3'" . DA  A 1 5 ? 4.581   2.724   5.289   1.00 14.12 ? 5  DA  A "C3'" 1 
ATOM   92  O  "O3'" . DA  A 1 5 ? 5.424   2.937   6.400   1.00 14.47 ? 5  DA  A "O3'" 1 
ATOM   93  C  "C2'" . DA  A 1 5 ? 3.192   3.296   5.458   1.00 13.47 ? 5  DA  A "C2'" 1 
ATOM   94  C  "C1'" . DA  A 1 5 ? 2.795   3.597   4.019   1.00 11.77 ? 5  DA  A "C1'" 1 
ATOM   95  N  N9    . DA  A 1 5 ? 2.079   2.461   3.396   1.00 11.00 ? 5  DA  A N9    1 
ATOM   96  C  C8    . DA  A 1 5 ? 2.540   1.642   2.388   1.00 11.99 ? 5  DA  A C8    1 
ATOM   97  N  N7    . DA  A 1 5 ? 1.665   0.771   1.977   1.00 11.53 ? 5  DA  A N7    1 
ATOM   98  C  C5    . DA  A 1 5 ? 0.553   1.000   2.800   1.00 10.17 ? 5  DA  A C5    1 
ATOM   99  C  C6    . DA  A 1 5 ? -0.737  0.423   2.857   1.00 10.17 ? 5  DA  A C6    1 
ATOM   100 N  N6    . DA  A 1 5 ? -1.165  -0.528  2.029   1.00 10.80 ? 5  DA  A N6    1 
ATOM   101 N  N1    . DA  A 1 5 ? -1.581  0.870   3.802   1.00 10.53 ? 5  DA  A N1    1 
ATOM   102 C  C2    . DA  A 1 5 ? -1.176  1.853   4.633   1.00 11.92 ? 5  DA  A C2    1 
ATOM   103 N  N3    . DA  A 1 5 ? 0.007   2.499   4.652   1.00 11.36 ? 5  DA  A N3    1 
ATOM   104 C  C4    . DA  A 1 5 ? 0.817   2.016   3.692   1.00 10.88 ? 5  DA  A C4    1 
ATOM   105 P  P     . DC  A 1 6 ? 5.703   1.695   7.373   1.00 15.61 ? 6  DC  A P     1 
ATOM   106 O  OP1   . DC  A 1 6 ? 6.649   2.221   8.415   1.00 17.70 ? 6  DC  A OP1   1 
ATOM   107 O  OP2   . DC  A 1 6 ? 6.005   0.468   6.673   1.00 16.42 ? 6  DC  A OP2   1 
ATOM   108 O  "O5'" . DC  A 1 6 ? 4.291   1.455   8.069   1.00 15.09 ? 6  DC  A "O5'" 1 
ATOM   109 C  "C5'" . DC  A 1 6 ? 3.730   2.436   8.929   1.00 13.38 ? 6  DC  A "C5'" 1 
ATOM   110 C  "C4'" . DC  A 1 6 ? 2.328   2.059   9.340   1.00 14.85 ? 6  DC  A "C4'" 1 
ATOM   111 O  "O4'" . DC  A 1 6 ? 1.503   2.059   8.149   1.00 14.32 ? 6  DC  A "O4'" 1 
ATOM   112 C  "C3'" . DC  A 1 6 ? 2.200   0.643   9.854   1.00 15.50 ? 6  DC  A "C3'" 1 
ATOM   113 O  "O3'" . DC  A 1 6 ? 2.514   0.536   11.234  1.00 16.73 ? 6  DC  A "O3'" 1 
ATOM   114 C  "C2'" . DC  A 1 6 ? 0.743   0.343   9.557   1.00 14.67 ? 6  DC  A "C2'" 1 
ATOM   115 C  "C1'" . DC  A 1 6 ? 0.477   1.096   8.260   1.00 13.99 ? 6  DC  A "C1'" 1 
ATOM   116 N  N1    . DC  A 1 6 ? 0.645   0.116   7.160   1.00 12.61 ? 6  DC  A N1    1 
ATOM   117 C  C2    . DC  A 1 6 ? -0.466  -0.674  6.825   1.00 13.65 ? 6  DC  A C2    1 
ATOM   118 O  O2    . DC  A 1 6 ? -1.470  -0.582  7.521   1.00 13.88 ? 6  DC  A O2    1 
ATOM   119 N  N3    . DC  A 1 6 ? -0.402  -1.511  5.779   1.00 12.57 ? 6  DC  A N3    1 
ATOM   120 C  C4    . DC  A 1 6 ? 0.724   -1.631  5.076   1.00 12.29 ? 6  DC  A C4    1 
ATOM   121 N  N4    . DC  A 1 6 ? 0.706   -2.476  4.036   1.00 12.13 ? 6  DC  A N4    1 
ATOM   122 C  C5    . DC  A 1 6 ? 1.903   -0.893  5.396   1.00 11.42 ? 6  DC  A C5    1 
ATOM   123 C  C6    . DC  A 1 6 ? 1.821   -0.012  6.463   1.00 12.83 ? 6  DC  A C6    1 
ATOM   124 P  P     . DA  A 1 7 ? 3.051   -0.866  11.796  1.00 18.44 ? 7  DA  A P     1 
ATOM   125 O  OP1   . DA  A 1 7 ? 3.635   -0.587  13.175  1.00 20.05 ? 7  DA  A OP1   1 
ATOM   126 O  OP2   . DA  A 1 7 ? 3.875   -1.601  10.796  1.00 19.82 ? 7  DA  A OP2   1 
ATOM   127 O  "O5'" . DA  A 1 7 ? 1.727   -1.679  11.954  1.00 16.14 ? 7  DA  A "O5'" 1 
ATOM   128 C  "C5'" . DA  A 1 7 ? 0.693   -1.205  12.828  1.00 16.16 ? 7  DA  A "C5'" 1 
ATOM   129 C  "C4'" . DA  A 1 7 ? -0.492  -2.133  12.796  1.00 15.48 ? 7  DA  A "C4'" 1 
ATOM   130 O  "O4'" . DA  A 1 7 ? -1.056  -2.100  11.468  1.00 15.89 ? 7  DA  A "O4'" 1 
ATOM   131 C  "C3'" . DA  A 1 7 ? -0.139  -3.588  13.013  1.00 16.01 ? 7  DA  A "C3'" 1 
ATOM   132 O  "O3'" . DA  A 1 7 ? -0.223  -3.925  14.396  1.00 17.45 ? 7  DA  A "O3'" 1 
ATOM   133 C  "C2'" . DA  A 1 7 ? -1.153  -4.356  12.197  1.00 15.80 ? 7  DA  A "C2'" 1 
ATOM   134 C  "C1'" . DA  A 1 7 ? -1.543  -3.380  11.112  1.00 15.04 ? 7  DA  A "C1'" 1 
ATOM   135 N  N9    . DA  A 1 7 ? -0.874  -3.751  9.870   1.00 13.32 ? 7  DA  A N9    1 
ATOM   136 C  C8    . DA  A 1 7 ? 0.327   -3.313  9.407   1.00 12.05 ? 7  DA  A C8    1 
ATOM   137 N  N7    . DA  A 1 7 ? 0.623   -3.770  8.221   1.00 12.96 ? 7  DA  A N7    1 
ATOM   138 C  C5    . DA  A 1 7 ? -0.480  -4.554  7.876   1.00 12.41 ? 7  DA  A C5    1 
ATOM   139 C  C6    . DA  A 1 7 ? -0.818  -5.288  6.724   1.00 11.98 ? 7  DA  A C6    1 
ATOM   140 N  N6    . DA  A 1 7 ? -0.048  -5.319  5.613   1.00 12.94 ? 7  DA  A N6    1 
ATOM   141 N  N1    . DA  A 1 7 ? -1.976  -5.974  6.733   1.00 12.99 ? 7  DA  A N1    1 
ATOM   142 C  C2    . DA  A 1 7 ? -2.756  -5.913  7.822   1.00 12.16 ? 7  DA  A C2    1 
ATOM   143 N  N3    . DA  A 1 7 ? -2.555  -5.230  8.946   1.00 12.67 ? 7  DA  A N3    1 
ATOM   144 C  C4    . DA  A 1 7 ? -1.393  -4.571  8.904   1.00 11.96 ? 7  DA  A C4    1 
ATOM   145 P  P     . DC  A 1 8 ? 0.701   -5.102  14.955  1.00 18.48 ? 8  DC  A P     1 
ATOM   146 O  OP1   . DC  A 1 8 ? 0.548   -5.051  16.435  1.00 20.60 ? 8  DC  A OP1   1 
ATOM   147 O  OP2   . DC  A 1 8 ? 2.074   -5.021  14.368  1.00 22.29 ? 8  DC  A OP2   1 
ATOM   148 O  "O5'" . DC  A 1 8 ? -0.018  -6.402  14.419  1.00 17.80 ? 8  DC  A "O5'" 1 
ATOM   149 C  "C5'" . DC  A 1 8 ? -1.335  -6.757  14.887  1.00 18.56 ? 8  DC  A "C5'" 1 
ATOM   150 C  "C4'" . DC  A 1 8 ? -1.832  -8.025  14.226  1.00 19.07 ? 8  DC  A "C4'" 1 
ATOM   151 O  "O4'" . DC  A 1 8 ? -1.868  -7.830  12.787  1.00 19.29 ? 8  DC  A "O4'" 1 
ATOM   152 C  "C3'" . DC  A 1 8 ? -0.959  -9.265  14.473  1.00 20.74 ? 8  DC  A "C3'" 1 
ATOM   153 O  "O3'" . DC  A 1 8 ? -1.813  -10.413 14.641  1.00 21.77 ? 8  DC  A "O3'" 1 
ATOM   154 C  "C2'" . DC  A 1 8 ? -0.176  -9.418  13.181  1.00 20.03 ? 8  DC  A "C2'" 1 
ATOM   155 C  "C1'" . DC  A 1 8 ? -1.168  -8.887  12.147  1.00 19.29 ? 8  DC  A "C1'" 1 
ATOM   156 N  N1    . DC  A 1 8 ? -0.462  -8.326  10.969  1.00 17.14 ? 8  DC  A N1    1 
ATOM   157 C  C2    . DC  A 1 8 ? -0.793  -8.808  9.683   1.00 17.66 ? 8  DC  A C2    1 
ATOM   158 O  O2    . DC  A 1 8 ? -1.775  -9.552  9.565   1.00 17.24 ? 8  DC  A O2    1 
ATOM   159 N  N3    . DC  A 1 8 ? -0.044  -8.415  8.627   1.00 15.34 ? 8  DC  A N3    1 
ATOM   160 C  C4    . DC  A 1 8 ? 0.948   -7.540  8.785   1.00 15.88 ? 8  DC  A C4    1 
ATOM   161 N  N4    . DC  A 1 8 ? 1.692   -7.236  7.725   1.00 15.45 ? 8  DC  A N4    1 
ATOM   162 C  C5    . DC  A 1 8 ? 1.238   -6.948  10.050  1.00 15.56 ? 8  DC  A C5    1 
ATOM   163 C  C6    . DC  A 1 8 ? 0.512   -7.393  11.119  1.00 17.16 ? 8  DC  A C6    1 
HETATM 164 O  O     . HOH B 2 . ? 0.228   4.916   6.065   1.00 13.30 ? 9  HOH A O     1 
HETATM 165 O  O     . HOH B 2 . ? -5.282  1.126   -3.872  1.00 16.58 ? 10 HOH A O     1 
HETATM 166 O  O     . HOH B 2 . ? -7.038  -4.776  -13.993 1.00 18.98 ? 11 HOH A O     1 
HETATM 167 O  O     . HOH B 2 . ? -6.730  -2.633  -9.153  1.00 20.81 ? 12 HOH A O     1 
HETATM 168 O  O     . HOH B 2 . ? -3.471  7.541   -13.142 1.00 21.52 ? 13 HOH A O     1 
HETATM 169 O  O     . HOH B 2 . ? -1.777  -4.681  17.722  1.00 20.72 ? 14 HOH A O     1 
HETATM 170 O  O     . HOH B 2 . ? -4.492  -4.981  -12.995 1.00 21.03 ? 15 HOH A O     1 
HETATM 171 O  O     . HOH B 2 . ? -0.831  7.328   -9.164  1.00 22.60 ? 16 HOH A O     1 
HETATM 172 O  O     . HOH B 2 . ? -3.882  -6.207  11.361  1.00 21.55 ? 17 HOH A O     1 
HETATM 173 O  O     . HOH B 2 . ? 3.531   -6.081  12.472  1.00 22.64 ? 18 HOH A O     1 
HETATM 174 O  O     . HOH B 2 . ? -10.940 -1.030  -9.993  1.00 22.65 ? 19 HOH A O     1 
HETATM 175 O  O     . HOH B 2 . ? 2.271   -1.365  0.261   1.00 23.81 ? 20 HOH A O     1 
HETATM 176 O  O     . HOH B 2 . ? -1.875  -1.434  -1.923  1.00 24.37 ? 21 HOH A O     1 
HETATM 177 O  O     . HOH B 2 . ? -8.887  1.799   -6.585  1.00 26.90 ? 22 HOH A O     1 
HETATM 178 O  O     . HOH B 2 . ? -2.640  -0.491  -5.159  1.00 26.57 ? 23 HOH A O     1 
HETATM 179 O  O     . HOH B 2 . ? 3.022   -3.901  6.755   1.00 27.48 ? 24 HOH A O     1 
HETATM 180 O  O     . HOH B 2 . ? -7.946  4.043   -5.067  1.00 28.64 ? 25 HOH A O     1 
HETATM 181 O  O     . HOH B 2 . ? 4.202   -1.257  -1.468  1.00 29.44 ? 26 HOH A O     1 
HETATM 182 O  O     . HOH B 2 . ? 4.183   -4.370  10.577  1.00 31.60 ? 27 HOH A O     1 
HETATM 183 O  O     . HOH B 2 . ? -0.505  -3.878  -12.585 1.00 32.50 ? 28 HOH A O     1 
HETATM 184 O  O     . HOH B 2 . ? -2.288  -1.759  -7.849  1.00 29.30 ? 29 HOH A O     1 
HETATM 185 O  O     . HOH B 2 . ? 6.433   5.057   9.291   1.00 30.81 ? 30 HOH A O     1 
HETATM 186 O  O     . HOH B 2 . ? 5.193   -2.178  6.404   1.00 32.10 ? 31 HOH A O     1 
HETATM 187 O  O     . HOH B 2 . ? 3.234   -2.883  2.466   1.00 32.58 ? 32 HOH A O     1 
HETATM 188 O  O     . HOH B 2 . ? 0.127   -2.798  0.018   1.00 34.50 ? 33 HOH A O     1 
HETATM 189 O  O     . HOH B 2 . ? -6.885  -2.446  -6.362  1.00 34.70 ? 34 HOH A O     1 
HETATM 190 O  O     . HOH B 2 . ? 3.335   -2.213  -5.445  1.00 38.46 ? 35 HOH A O     1 
HETATM 191 O  O     . HOH B 2 . ? 0.277   -1.948  17.279  1.00 46.41 ? 36 HOH A O     1 
HETATM 192 O  O     . HOH B 2 . ? 7.737   -1.287  10.098  1.00 43.12 ? 37 HOH A O     1 
HETATM 193 O  O     . HOH B 2 . ? -3.598  -11.480 12.473  1.00 33.87 ? 38 HOH A O     1 
HETATM 194 O  O     . HOH B 2 . ? 5.291   4.614   -11.353 1.00 43.38 ? 39 HOH A O     1 
HETATM 195 O  O     . HOH B 2 . ? 4.068   2.928   -14.330 1.00 42.97 ? 40 HOH A O     1 
HETATM 196 O  O     . HOH B 2 . ? 4.656   0.916   -12.806 1.00 41.14 ? 41 HOH A O     1 
HETATM 197 O  O     . HOH B 2 . ? 6.475   2.527   -9.299  1.00 40.15 ? 42 HOH A O     1 
HETATM 198 O  O     . HOH B 2 . ? 0.776   -2.229  -5.530  1.00 34.65 ? 43 HOH A O     1 
HETATM 199 O  O     . HOH B 2 . ? -1.030  7.227   -12.138 1.00 32.73 ? 44 HOH A O     1 
HETATM 200 O  O     . HOH B 2 . ? -7.473  -5.224  -9.732  1.00 43.29 ? 45 HOH A O     1 
HETATM 201 O  O     . HOH B 2 . ? 5.197   -1.126  3.492   1.00 46.13 ? 46 HOH A O     1 
HETATM 202 O  O     . HOH B 2 . ? 1.559   7.765   -7.242  1.00 25.69 ? 47 HOH A O     1 
HETATM 203 O  O     . HOH B 2 . ? -7.976  4.935   -2.718  1.00 43.13 ? 48 HOH A O     1 
HETATM 204 O  O     . HOH B 2 . ? 1.177   -2.152  20.290  1.00 41.52 ? 49 HOH A O     1 
HETATM 205 O  O     . HOH B 2 . ? 6.843   0.147   -8.901  1.00 37.85 ? 50 HOH A O     1 
HETATM 206 O  O     . HOH B 2 . ? 2.625   -1.320  -13.197 1.00 39.63 ? 51 HOH A O     1 
# 
loop_
_pdbx_poly_seq_scheme.asym_id 
_pdbx_poly_seq_scheme.entity_id 
_pdbx_poly_seq_scheme.seq_id 
_pdbx_poly_seq_scheme.mon_id 
_pdbx_poly_seq_scheme.ndb_seq_num 
_pdbx_poly_seq_scheme.pdb_seq_num 
_pdbx_poly_seq_scheme.auth_seq_num 
_pdbx_poly_seq_scheme.pdb_mon_id 
_pdbx_poly_seq_scheme.auth_mon_id 
_pdbx_poly_seq_scheme.pdb_strand_id 
_pdbx_poly_seq_scheme.pdb_ins_code 
_pdbx_poly_seq_scheme.hetero 
A 1 1 DG  1 1 1 DG  GUA A . n 
A 1 2 2ST 2 2 2 2ST SET A . n 
A 1 3 DG  3 3 3 DG  GUA A . n 
A 1 4 DT  4 4 4 DT  THY A . n 
A 1 5 DA  5 5 5 DA  ADE A . n 
A 1 6 DC  6 6 6 DC  CYT A . n 
A 1 7 DA  7 7 7 DA  ADE A . n 
A 1 8 DC  8 8 8 DC  CYT A . n 
# 
loop_
_pdbx_nonpoly_scheme.asym_id 
_pdbx_nonpoly_scheme.entity_id 
_pdbx_nonpoly_scheme.mon_id 
_pdbx_nonpoly_scheme.ndb_seq_num 
_pdbx_nonpoly_scheme.pdb_seq_num 
_pdbx_nonpoly_scheme.auth_seq_num 
_pdbx_nonpoly_scheme.pdb_mon_id 
_pdbx_nonpoly_scheme.auth_mon_id 
_pdbx_nonpoly_scheme.pdb_strand_id 
_pdbx_nonpoly_scheme.pdb_ins_code 
B 2 HOH 1  9  1  HOH HOH A . 
B 2 HOH 2  10 2  HOH HOH A . 
B 2 HOH 3  11 3  HOH HOH A . 
B 2 HOH 4  12 4  HOH HOH A . 
B 2 HOH 5  13 5  HOH HOH A . 
B 2 HOH 6  14 6  HOH HOH A . 
B 2 HOH 7  15 7  HOH HOH A . 
B 2 HOH 8  16 8  HOH HOH A . 
B 2 HOH 9  17 9  HOH HOH A . 
B 2 HOH 10 18 10 HOH HOH A . 
B 2 HOH 11 19 11 HOH HOH A . 
B 2 HOH 12 20 12 HOH HOH A . 
B 2 HOH 13 21 13 HOH HOH A . 
B 2 HOH 14 22 14 HOH HOH A . 
B 2 HOH 15 23 15 HOH HOH A . 
B 2 HOH 16 24 16 HOH HOH A . 
B 2 HOH 17 25 17 HOH HOH A . 
B 2 HOH 18 26 18 HOH HOH A . 
B 2 HOH 19 27 19 HOH HOH A . 
B 2 HOH 20 28 20 HOH HOH A . 
B 2 HOH 21 29 21 HOH HOH A . 
B 2 HOH 22 30 22 HOH HOH A . 
B 2 HOH 23 31 23 HOH HOH A . 
B 2 HOH 24 32 24 HOH HOH A . 
B 2 HOH 25 33 25 HOH HOH A . 
B 2 HOH 26 34 26 HOH HOH A . 
B 2 HOH 27 35 27 HOH HOH A . 
B 2 HOH 28 36 28 HOH HOH A . 
B 2 HOH 29 37 29 HOH HOH A . 
B 2 HOH 30 38 30 HOH HOH A . 
B 2 HOH 31 39 31 HOH HOH A . 
B 2 HOH 32 40 32 HOH HOH A . 
B 2 HOH 33 41 33 HOH HOH A . 
B 2 HOH 34 42 34 HOH HOH A . 
B 2 HOH 35 43 35 HOH HOH A . 
B 2 HOH 36 44 36 HOH HOH A . 
B 2 HOH 37 45 37 HOH HOH A . 
B 2 HOH 38 46 38 HOH HOH A . 
B 2 HOH 39 47 39 HOH HOH A . 
B 2 HOH 40 48 40 HOH HOH A . 
B 2 HOH 41 49 41 HOH HOH A . 
B 2 HOH 42 50 42 HOH HOH A . 
B 2 HOH 43 51 43 HOH HOH A . 
# 
_pdbx_struct_mod_residue.id               1 
_pdbx_struct_mod_residue.label_asym_id    A 
_pdbx_struct_mod_residue.label_comp_id    2ST 
_pdbx_struct_mod_residue.label_seq_id     2 
_pdbx_struct_mod_residue.auth_asym_id     A 
_pdbx_struct_mod_residue.auth_comp_id     2ST 
_pdbx_struct_mod_residue.auth_seq_id      2 
_pdbx_struct_mod_residue.PDB_ins_code     ? 
_pdbx_struct_mod_residue.parent_comp_id   DT 
_pdbx_struct_mod_residue.details          ? 
# 
_pdbx_struct_assembly.id                   1 
_pdbx_struct_assembly.details              author_defined_assembly 
_pdbx_struct_assembly.method_details       ? 
_pdbx_struct_assembly.oligomeric_details   dimeric 
_pdbx_struct_assembly.oligomeric_count     2 
# 
_pdbx_struct_assembly_gen.assembly_id       1 
_pdbx_struct_assembly_gen.oper_expression   1,2 
_pdbx_struct_assembly_gen.asym_id_list      A,B 
# 
loop_
_pdbx_struct_oper_list.id 
_pdbx_struct_oper_list.type 
_pdbx_struct_oper_list.name 
_pdbx_struct_oper_list.symmetry_operation 
_pdbx_struct_oper_list.matrix[1][1] 
_pdbx_struct_oper_list.matrix[1][2] 
_pdbx_struct_oper_list.matrix[1][3] 
_pdbx_struct_oper_list.vector[1] 
_pdbx_struct_oper_list.matrix[2][1] 
_pdbx_struct_oper_list.matrix[2][2] 
_pdbx_struct_oper_list.matrix[2][3] 
_pdbx_struct_oper_list.vector[2] 
_pdbx_struct_oper_list.matrix[3][1] 
_pdbx_struct_oper_list.matrix[3][2] 
_pdbx_struct_oper_list.matrix[3][3] 
_pdbx_struct_oper_list.vector[3] 
1 'identity operation'         1_555 x,y,z            1.0000000000  0.0000000000 0.0000000000 0.0000000000  0.0000000000 1.0000000000 0.0000000000 0.0000000000  0.0000000000 0.0000000000 1.0000000000  0.0000000000 
2 'crystal symmetry operation' 8_665 -y+1,-x+1,-z+1/2 -0.9424630183 0.2398995823 0.2328339528 -4.7536519141 0.2398995823 0.0002577105 0.9707976741 -0.1075831240 0.2328339528 0.9707976741 -0.0577946922 1.2855510385 
# 
loop_
_pdbx_audit_revision_history.ordinal 
_pdbx_audit_revision_history.data_content_type 
_pdbx_audit_revision_history.major_revision 
_pdbx_audit_revision_history.minor_revision 
_pdbx_audit_revision_history.revision_date 
1 'Structure model' 1 0 2006-07-04 
2 'Structure model' 1 1 2008-05-01 
3 'Structure model' 1 2 2011-07-13 
4 'Structure model' 1 3 2023-08-30 
# 
_pdbx_audit_revision_details.ordinal             1 
_pdbx_audit_revision_details.revision_ordinal    1 
_pdbx_audit_revision_details.data_content_type   'Structure model' 
_pdbx_audit_revision_details.provider            repository 
_pdbx_audit_revision_details.type                'Initial release' 
_pdbx_audit_revision_details.description         ? 
_pdbx_audit_revision_details.details             ? 
# 
loop_
_pdbx_audit_revision_group.ordinal 
_pdbx_audit_revision_group.revision_ordinal 
_pdbx_audit_revision_group.data_content_type 
_pdbx_audit_revision_group.group 
1 2 'Structure model' 'Version format compliance' 
2 3 'Structure model' 'Version format compliance' 
3 4 'Structure model' 'Data collection'           
4 4 'Structure model' 'Database references'       
5 4 'Structure model' 'Derived calculations'      
6 4 'Structure model' 'Refinement description'    
# 
loop_
_pdbx_audit_revision_category.ordinal 
_pdbx_audit_revision_category.revision_ordinal 
_pdbx_audit_revision_category.data_content_type 
_pdbx_audit_revision_category.category 
1 4 'Structure model' chem_comp_atom                
2 4 'Structure model' chem_comp_bond                
3 4 'Structure model' database_2                    
4 4 'Structure model' pdbx_initial_refinement_model 
5 4 'Structure model' struct_conn                   
# 
loop_
_pdbx_audit_revision_item.ordinal 
_pdbx_audit_revision_item.revision_ordinal 
_pdbx_audit_revision_item.data_content_type 
_pdbx_audit_revision_item.item 
1 4 'Structure model' '_database_2.pdbx_DOI'                
2 4 'Structure model' '_database_2.pdbx_database_accession' 
3 4 'Structure model' '_struct_conn.pdbx_leaving_atom_flag' 
# 
loop_
_software.name 
_software.classification 
_software.version 
_software.citation_id 
_software.pdbx_ordinal 
CNS       refinement        1.1 ? 1 
CBASS     'data collection' .   ? 2 
DENZO     'data reduction'  .   ? 3 
SCALEPACK 'data scaling'    .   ? 4 
CNS       phasing           .   ? 5 
# 
loop_
_pdbx_validate_rmsd_angle.id 
_pdbx_validate_rmsd_angle.PDB_model_num 
_pdbx_validate_rmsd_angle.auth_atom_id_1 
_pdbx_validate_rmsd_angle.auth_asym_id_1 
_pdbx_validate_rmsd_angle.auth_comp_id_1 
_pdbx_validate_rmsd_angle.auth_seq_id_1 
_pdbx_validate_rmsd_angle.PDB_ins_code_1 
_pdbx_validate_rmsd_angle.label_alt_id_1 
_pdbx_validate_rmsd_angle.auth_atom_id_2 
_pdbx_validate_rmsd_angle.auth_asym_id_2 
_pdbx_validate_rmsd_angle.auth_comp_id_2 
_pdbx_validate_rmsd_angle.auth_seq_id_2 
_pdbx_validate_rmsd_angle.PDB_ins_code_2 
_pdbx_validate_rmsd_angle.label_alt_id_2 
_pdbx_validate_rmsd_angle.auth_atom_id_3 
_pdbx_validate_rmsd_angle.auth_asym_id_3 
_pdbx_validate_rmsd_angle.auth_comp_id_3 
_pdbx_validate_rmsd_angle.auth_seq_id_3 
_pdbx_validate_rmsd_angle.PDB_ins_code_3 
_pdbx_validate_rmsd_angle.label_alt_id_3 
_pdbx_validate_rmsd_angle.angle_value 
_pdbx_validate_rmsd_angle.angle_target_value 
_pdbx_validate_rmsd_angle.angle_deviation 
_pdbx_validate_rmsd_angle.angle_standard_deviation 
_pdbx_validate_rmsd_angle.linker_flag 
1 1 "O4'" A DG 1 ? ? "C1'" A DG 1 ? ? N9 A DG 1 ? ? 101.97 108.00 -6.03 0.70 N 
2 1 "O4'" A DG 3 ? ? "C1'" A DG 3 ? ? N9 A DG 3 ? ? 102.46 108.00 -5.54 0.70 N 
3 1 "O4'" A DT 4 ? ? "C1'" A DT 4 ? ? N1 A DT 4 ? ? 101.66 108.00 -6.34 0.70 N 
# 
_pdbx_validate_planes.id              1 
_pdbx_validate_planes.PDB_model_num   1 
_pdbx_validate_planes.auth_comp_id    DC 
_pdbx_validate_planes.auth_asym_id    A 
_pdbx_validate_planes.auth_seq_id     8 
_pdbx_validate_planes.PDB_ins_code    ? 
_pdbx_validate_planes.label_alt_id    ? 
_pdbx_validate_planes.rmsd            0.076 
_pdbx_validate_planes.type            'SIDE CHAIN' 
# 
loop_
_chem_comp_atom.comp_id 
_chem_comp_atom.atom_id 
_chem_comp_atom.type_symbol 
_chem_comp_atom.pdbx_aromatic_flag 
_chem_comp_atom.pdbx_stereo_config 
_chem_comp_atom.pdbx_ordinal 
2ST OP3    O  N N 1   
2ST P      P  N N 2   
2ST OP1    O  N N 3   
2ST OP2    O  N N 4   
2ST "O5'"  O  N N 5   
2ST N1     N  N N 6   
2ST C6     C  N N 7   
2ST C2     C  N N 8   
2ST O2     O  N N 9   
2ST N3     N  N N 10  
2ST C4     C  N N 11  
2ST O4     O  N N 12  
2ST C5     C  N N 13  
2ST C5A    C  N N 14  
2ST "C2'"  C  N R 15  
2ST "C5'"  C  N N 16  
2ST "C4'"  C  N R 17  
2ST "O4'"  O  N N 18  
2ST "C1'"  C  N R 19  
2ST "C3'"  C  N R 20  
2ST SE     SE N N 21  
2ST "CA'"  C  N N 22  
2ST "O3'"  O  N N 23  
2ST HOP3   H  N N 24  
2ST HOP2   H  N N 25  
2ST H6     H  N N 26  
2ST HN3    H  N N 27  
2ST H5A1   H  N N 28  
2ST H5A2   H  N N 29  
2ST H5A3   H  N N 30  
2ST "H2'"  H  N N 31  
2ST "H5'"  H  N N 32  
2ST "H5''" H  N N 33  
2ST "H4'"  H  N N 34  
2ST "H1'"  H  N N 35  
2ST "H3'"  H  N N 36  
2ST "HA'1" H  N N 37  
2ST "HA'2" H  N N 38  
2ST "HA'3" H  N N 39  
2ST "HO3'" H  N N 40  
DA  OP3    O  N N 41  
DA  P      P  N N 42  
DA  OP1    O  N N 43  
DA  OP2    O  N N 44  
DA  "O5'"  O  N N 45  
DA  "C5'"  C  N N 46  
DA  "C4'"  C  N R 47  
DA  "O4'"  O  N N 48  
DA  "C3'"  C  N S 49  
DA  "O3'"  O  N N 50  
DA  "C2'"  C  N N 51  
DA  "C1'"  C  N R 52  
DA  N9     N  Y N 53  
DA  C8     C  Y N 54  
DA  N7     N  Y N 55  
DA  C5     C  Y N 56  
DA  C6     C  Y N 57  
DA  N6     N  N N 58  
DA  N1     N  Y N 59  
DA  C2     C  Y N 60  
DA  N3     N  Y N 61  
DA  C4     C  Y N 62  
DA  HOP3   H  N N 63  
DA  HOP2   H  N N 64  
DA  "H5'"  H  N N 65  
DA  "H5''" H  N N 66  
DA  "H4'"  H  N N 67  
DA  "H3'"  H  N N 68  
DA  "HO3'" H  N N 69  
DA  "H2'"  H  N N 70  
DA  "H2''" H  N N 71  
DA  "H1'"  H  N N 72  
DA  H8     H  N N 73  
DA  H61    H  N N 74  
DA  H62    H  N N 75  
DA  H2     H  N N 76  
DC  OP3    O  N N 77  
DC  P      P  N N 78  
DC  OP1    O  N N 79  
DC  OP2    O  N N 80  
DC  "O5'"  O  N N 81  
DC  "C5'"  C  N N 82  
DC  "C4'"  C  N R 83  
DC  "O4'"  O  N N 84  
DC  "C3'"  C  N S 85  
DC  "O3'"  O  N N 86  
DC  "C2'"  C  N N 87  
DC  "C1'"  C  N R 88  
DC  N1     N  N N 89  
DC  C2     C  N N 90  
DC  O2     O  N N 91  
DC  N3     N  N N 92  
DC  C4     C  N N 93  
DC  N4     N  N N 94  
DC  C5     C  N N 95  
DC  C6     C  N N 96  
DC  HOP3   H  N N 97  
DC  HOP2   H  N N 98  
DC  "H5'"  H  N N 99  
DC  "H5''" H  N N 100 
DC  "H4'"  H  N N 101 
DC  "H3'"  H  N N 102 
DC  "HO3'" H  N N 103 
DC  "H2'"  H  N N 104 
DC  "H2''" H  N N 105 
DC  "H1'"  H  N N 106 
DC  H41    H  N N 107 
DC  H42    H  N N 108 
DC  H5     H  N N 109 
DC  H6     H  N N 110 
DG  OP3    O  N N 111 
DG  P      P  N N 112 
DG  OP1    O  N N 113 
DG  OP2    O  N N 114 
DG  "O5'"  O  N N 115 
DG  "C5'"  C  N N 116 
DG  "C4'"  C  N R 117 
DG  "O4'"  O  N N 118 
DG  "C3'"  C  N S 119 
DG  "O3'"  O  N N 120 
DG  "C2'"  C  N N 121 
DG  "C1'"  C  N R 122 
DG  N9     N  Y N 123 
DG  C8     C  Y N 124 
DG  N7     N  Y N 125 
DG  C5     C  Y N 126 
DG  C6     C  N N 127 
DG  O6     O  N N 128 
DG  N1     N  N N 129 
DG  C2     C  N N 130 
DG  N2     N  N N 131 
DG  N3     N  N N 132 
DG  C4     C  Y N 133 
DG  HOP3   H  N N 134 
DG  HOP2   H  N N 135 
DG  "H5'"  H  N N 136 
DG  "H5''" H  N N 137 
DG  "H4'"  H  N N 138 
DG  "H3'"  H  N N 139 
DG  "HO3'" H  N N 140 
DG  "H2'"  H  N N 141 
DG  "H2''" H  N N 142 
DG  "H1'"  H  N N 143 
DG  H8     H  N N 144 
DG  H1     H  N N 145 
DG  H21    H  N N 146 
DG  H22    H  N N 147 
DT  OP3    O  N N 148 
DT  P      P  N N 149 
DT  OP1    O  N N 150 
DT  OP2    O  N N 151 
DT  "O5'"  O  N N 152 
DT  "C5'"  C  N N 153 
DT  "C4'"  C  N R 154 
DT  "O4'"  O  N N 155 
DT  "C3'"  C  N S 156 
DT  "O3'"  O  N N 157 
DT  "C2'"  C  N N 158 
DT  "C1'"  C  N R 159 
DT  N1     N  N N 160 
DT  C2     C  N N 161 
DT  O2     O  N N 162 
DT  N3     N  N N 163 
DT  C4     C  N N 164 
DT  O4     O  N N 165 
DT  C5     C  N N 166 
DT  C7     C  N N 167 
DT  C6     C  N N 168 
DT  HOP3   H  N N 169 
DT  HOP2   H  N N 170 
DT  "H5'"  H  N N 171 
DT  "H5''" H  N N 172 
DT  "H4'"  H  N N 173 
DT  "H3'"  H  N N 174 
DT  "HO3'" H  N N 175 
DT  "H2'"  H  N N 176 
DT  "H2''" H  N N 177 
DT  "H1'"  H  N N 178 
DT  H3     H  N N 179 
DT  H71    H  N N 180 
DT  H72    H  N N 181 
DT  H73    H  N N 182 
DT  H6     H  N N 183 
HOH O      O  N N 184 
HOH H1     H  N N 185 
HOH H2     H  N N 186 
# 
loop_
_chem_comp_bond.comp_id 
_chem_comp_bond.atom_id_1 
_chem_comp_bond.atom_id_2 
_chem_comp_bond.value_order 
_chem_comp_bond.pdbx_aromatic_flag 
_chem_comp_bond.pdbx_stereo_config 
_chem_comp_bond.pdbx_ordinal 
2ST OP3   P      sing N N 1   
2ST OP3   HOP3   sing N N 2   
2ST P     OP1    doub N N 3   
2ST P     OP2    sing N N 4   
2ST P     "O5'"  sing N N 5   
2ST OP2   HOP2   sing N N 6   
2ST "O5'" "C5'"  sing N N 7   
2ST N1    C6     sing N N 8   
2ST N1    C2     sing N N 9   
2ST N1    "C1'"  sing N N 10  
2ST C6    C5     doub N N 11  
2ST C6    H6     sing N N 12  
2ST C2    O2     doub N N 13  
2ST C2    N3     sing N N 14  
2ST N3    C4     sing N N 15  
2ST N3    HN3    sing N N 16  
2ST C4    O4     doub N N 17  
2ST C4    C5     sing N N 18  
2ST C5    C5A    sing N N 19  
2ST C5A   H5A1   sing N N 20  
2ST C5A   H5A2   sing N N 21  
2ST C5A   H5A3   sing N N 22  
2ST "C2'" "C1'"  sing N N 23  
2ST "C2'" "C3'"  sing N N 24  
2ST "C2'" SE     sing N N 25  
2ST "C2'" "H2'"  sing N N 26  
2ST "C5'" "C4'"  sing N N 27  
2ST "C5'" "H5'"  sing N N 28  
2ST "C5'" "H5''" sing N N 29  
2ST "C4'" "O4'"  sing N N 30  
2ST "C4'" "C3'"  sing N N 31  
2ST "C4'" "H4'"  sing N N 32  
2ST "O4'" "C1'"  sing N N 33  
2ST "C1'" "H1'"  sing N N 34  
2ST "C3'" "O3'"  sing N N 35  
2ST "C3'" "H3'"  sing N N 36  
2ST SE    "CA'"  sing N N 37  
2ST "CA'" "HA'1" sing N N 38  
2ST "CA'" "HA'2" sing N N 39  
2ST "CA'" "HA'3" sing N N 40  
2ST "O3'" "HO3'" sing N N 41  
DA  OP3   P      sing N N 42  
DA  OP3   HOP3   sing N N 43  
DA  P     OP1    doub N N 44  
DA  P     OP2    sing N N 45  
DA  P     "O5'"  sing N N 46  
DA  OP2   HOP2   sing N N 47  
DA  "O5'" "C5'"  sing N N 48  
DA  "C5'" "C4'"  sing N N 49  
DA  "C5'" "H5'"  sing N N 50  
DA  "C5'" "H5''" sing N N 51  
DA  "C4'" "O4'"  sing N N 52  
DA  "C4'" "C3'"  sing N N 53  
DA  "C4'" "H4'"  sing N N 54  
DA  "O4'" "C1'"  sing N N 55  
DA  "C3'" "O3'"  sing N N 56  
DA  "C3'" "C2'"  sing N N 57  
DA  "C3'" "H3'"  sing N N 58  
DA  "O3'" "HO3'" sing N N 59  
DA  "C2'" "C1'"  sing N N 60  
DA  "C2'" "H2'"  sing N N 61  
DA  "C2'" "H2''" sing N N 62  
DA  "C1'" N9     sing N N 63  
DA  "C1'" "H1'"  sing N N 64  
DA  N9    C8     sing Y N 65  
DA  N9    C4     sing Y N 66  
DA  C8    N7     doub Y N 67  
DA  C8    H8     sing N N 68  
DA  N7    C5     sing Y N 69  
DA  C5    C6     sing Y N 70  
DA  C5    C4     doub Y N 71  
DA  C6    N6     sing N N 72  
DA  C6    N1     doub Y N 73  
DA  N6    H61    sing N N 74  
DA  N6    H62    sing N N 75  
DA  N1    C2     sing Y N 76  
DA  C2    N3     doub Y N 77  
DA  C2    H2     sing N N 78  
DA  N3    C4     sing Y N 79  
DC  OP3   P      sing N N 80  
DC  OP3   HOP3   sing N N 81  
DC  P     OP1    doub N N 82  
DC  P     OP2    sing N N 83  
DC  P     "O5'"  sing N N 84  
DC  OP2   HOP2   sing N N 85  
DC  "O5'" "C5'"  sing N N 86  
DC  "C5'" "C4'"  sing N N 87  
DC  "C5'" "H5'"  sing N N 88  
DC  "C5'" "H5''" sing N N 89  
DC  "C4'" "O4'"  sing N N 90  
DC  "C4'" "C3'"  sing N N 91  
DC  "C4'" "H4'"  sing N N 92  
DC  "O4'" "C1'"  sing N N 93  
DC  "C3'" "O3'"  sing N N 94  
DC  "C3'" "C2'"  sing N N 95  
DC  "C3'" "H3'"  sing N N 96  
DC  "O3'" "HO3'" sing N N 97  
DC  "C2'" "C1'"  sing N N 98  
DC  "C2'" "H2'"  sing N N 99  
DC  "C2'" "H2''" sing N N 100 
DC  "C1'" N1     sing N N 101 
DC  "C1'" "H1'"  sing N N 102 
DC  N1    C2     sing N N 103 
DC  N1    C6     sing N N 104 
DC  C2    O2     doub N N 105 
DC  C2    N3     sing N N 106 
DC  N3    C4     doub N N 107 
DC  C4    N4     sing N N 108 
DC  C4    C5     sing N N 109 
DC  N4    H41    sing N N 110 
DC  N4    H42    sing N N 111 
DC  C5    C6     doub N N 112 
DC  C5    H5     sing N N 113 
DC  C6    H6     sing N N 114 
DG  OP3   P      sing N N 115 
DG  OP3   HOP3   sing N N 116 
DG  P     OP1    doub N N 117 
DG  P     OP2    sing N N 118 
DG  P     "O5'"  sing N N 119 
DG  OP2   HOP2   sing N N 120 
DG  "O5'" "C5'"  sing N N 121 
DG  "C5'" "C4'"  sing N N 122 
DG  "C5'" "H5'"  sing N N 123 
DG  "C5'" "H5''" sing N N 124 
DG  "C4'" "O4'"  sing N N 125 
DG  "C4'" "C3'"  sing N N 126 
DG  "C4'" "H4'"  sing N N 127 
DG  "O4'" "C1'"  sing N N 128 
DG  "C3'" "O3'"  sing N N 129 
DG  "C3'" "C2'"  sing N N 130 
DG  "C3'" "H3'"  sing N N 131 
DG  "O3'" "HO3'" sing N N 132 
DG  "C2'" "C1'"  sing N N 133 
DG  "C2'" "H2'"  sing N N 134 
DG  "C2'" "H2''" sing N N 135 
DG  "C1'" N9     sing N N 136 
DG  "C1'" "H1'"  sing N N 137 
DG  N9    C8     sing Y N 138 
DG  N9    C4     sing Y N 139 
DG  C8    N7     doub Y N 140 
DG  C8    H8     sing N N 141 
DG  N7    C5     sing Y N 142 
DG  C5    C6     sing N N 143 
DG  C5    C4     doub Y N 144 
DG  C6    O6     doub N N 145 
DG  C6    N1     sing N N 146 
DG  N1    C2     sing N N 147 
DG  N1    H1     sing N N 148 
DG  C2    N2     sing N N 149 
DG  C2    N3     doub N N 150 
DG  N2    H21    sing N N 151 
DG  N2    H22    sing N N 152 
DG  N3    C4     sing N N 153 
DT  OP3   P      sing N N 154 
DT  OP3   HOP3   sing N N 155 
DT  P     OP1    doub N N 156 
DT  P     OP2    sing N N 157 
DT  P     "O5'"  sing N N 158 
DT  OP2   HOP2   sing N N 159 
DT  "O5'" "C5'"  sing N N 160 
DT  "C5'" "C4'"  sing N N 161 
DT  "C5'" "H5'"  sing N N 162 
DT  "C5'" "H5''" sing N N 163 
DT  "C4'" "O4'"  sing N N 164 
DT  "C4'" "C3'"  sing N N 165 
DT  "C4'" "H4'"  sing N N 166 
DT  "O4'" "C1'"  sing N N 167 
DT  "C3'" "O3'"  sing N N 168 
DT  "C3'" "C2'"  sing N N 169 
DT  "C3'" "H3'"  sing N N 170 
DT  "O3'" "HO3'" sing N N 171 
DT  "C2'" "C1'"  sing N N 172 
DT  "C2'" "H2'"  sing N N 173 
DT  "C2'" "H2''" sing N N 174 
DT  "C1'" N1     sing N N 175 
DT  "C1'" "H1'"  sing N N 176 
DT  N1    C2     sing N N 177 
DT  N1    C6     sing N N 178 
DT  C2    O2     doub N N 179 
DT  C2    N3     sing N N 180 
DT  N3    C4     sing N N 181 
DT  N3    H3     sing N N 182 
DT  C4    O4     doub N N 183 
DT  C4    C5     sing N N 184 
DT  C5    C7     sing N N 185 
DT  C5    C6     doub N N 186 
DT  C7    H71    sing N N 187 
DT  C7    H72    sing N N 188 
DT  C7    H73    sing N N 189 
DT  C6    H6     sing N N 190 
HOH O     H1     sing N N 191 
HOH O     H2     sing N N 192 
# 
_ndb_struct_conf_na.entry_id   2HC7 
_ndb_struct_conf_na.feature    'a-form double helix' 
# 
loop_
_ndb_struct_na_base_pair.model_number 
_ndb_struct_na_base_pair.i_label_asym_id 
_ndb_struct_na_base_pair.i_label_comp_id 
_ndb_struct_na_base_pair.i_label_seq_id 
_ndb_struct_na_base_pair.i_symmetry 
_ndb_struct_na_base_pair.j_label_asym_id 
_ndb_struct_na_base_pair.j_label_comp_id 
_ndb_struct_na_base_pair.j_label_seq_id 
_ndb_struct_na_base_pair.j_symmetry 
_ndb_struct_na_base_pair.shear 
_ndb_struct_na_base_pair.stretch 
_ndb_struct_na_base_pair.stagger 
_ndb_struct_na_base_pair.buckle 
_ndb_struct_na_base_pair.propeller 
_ndb_struct_na_base_pair.opening 
_ndb_struct_na_base_pair.pair_number 
_ndb_struct_na_base_pair.pair_name 
_ndb_struct_na_base_pair.i_auth_asym_id 
_ndb_struct_na_base_pair.i_auth_seq_id 
_ndb_struct_na_base_pair.i_PDB_ins_code 
_ndb_struct_na_base_pair.j_auth_asym_id 
_ndb_struct_na_base_pair.j_auth_seq_id 
_ndb_struct_na_base_pair.j_PDB_ins_code 
_ndb_struct_na_base_pair.hbond_type_28 
_ndb_struct_na_base_pair.hbond_type_12 
1 A DG  1 1_555 A DC  8 8_665 -0.244 -0.062 -0.187 -17.656 -9.728  -1.263 1 A_DG1:DC8_A  A 1 ? A 8 ? 19 1 
1 A 2ST 2 1_555 A DA  7 8_665 -0.060 -0.103 0.099  -8.319  -11.841 1.492  2 A_2ST2:DA7_A A 2 ? A 7 ? 20 1 
1 A DG  3 1_555 A DC  6 8_665 -0.191 -0.130 0.209  -5.605  -14.191 1.655  3 A_DG3:DC6_A  A 3 ? A 6 ? 19 1 
1 A DT  4 1_555 A DA  5 8_665 -0.109 -0.107 0.272  -3.940  -11.596 -5.069 4 A_DT4:DA5_A  A 4 ? A 5 ? 20 1 
1 A DA  5 1_555 A DT  4 8_665 0.109  -0.107 0.272  3.940   -11.596 -5.069 5 A_DA5:DT4_A  A 5 ? A 4 ? 20 1 
1 A DC  6 1_555 A DG  3 8_665 0.191  -0.130 0.209  5.605   -14.191 1.655  6 A_DC6:DG3_A  A 6 ? A 3 ? 19 1 
1 A DA  7 1_555 A 2ST 2 8_665 0.060  -0.103 0.099  8.319   -11.841 1.492  7 A_DA7:2ST2_A A 7 ? A 2 ? 20 1 
1 A DC  8 1_555 A DG  1 8_665 0.244  -0.062 -0.187 17.656  -9.728  -1.263 8 A_DC8:DG1_A  A 8 ? A 1 ? 19 1 
# 
loop_
_ndb_struct_na_base_pair_step.model_number 
_ndb_struct_na_base_pair_step.i_label_asym_id_1 
_ndb_struct_na_base_pair_step.i_label_comp_id_1 
_ndb_struct_na_base_pair_step.i_label_seq_id_1 
_ndb_struct_na_base_pair_step.i_symmetry_1 
_ndb_struct_na_base_pair_step.j_label_asym_id_1 
_ndb_struct_na_base_pair_step.j_label_comp_id_1 
_ndb_struct_na_base_pair_step.j_label_seq_id_1 
_ndb_struct_na_base_pair_step.j_symmetry_1 
_ndb_struct_na_base_pair_step.i_label_asym_id_2 
_ndb_struct_na_base_pair_step.i_label_comp_id_2 
_ndb_struct_na_base_pair_step.i_label_seq_id_2 
_ndb_struct_na_base_pair_step.i_symmetry_2 
_ndb_struct_na_base_pair_step.j_label_asym_id_2 
_ndb_struct_na_base_pair_step.j_label_comp_id_2 
_ndb_struct_na_base_pair_step.j_label_seq_id_2 
_ndb_struct_na_base_pair_step.j_symmetry_2 
_ndb_struct_na_base_pair_step.shift 
_ndb_struct_na_base_pair_step.slide 
_ndb_struct_na_base_pair_step.rise 
_ndb_struct_na_base_pair_step.tilt 
_ndb_struct_na_base_pair_step.roll 
_ndb_struct_na_base_pair_step.twist 
_ndb_struct_na_base_pair_step.x_displacement 
_ndb_struct_na_base_pair_step.y_displacement 
_ndb_struct_na_base_pair_step.helical_rise 
_ndb_struct_na_base_pair_step.inclination 
_ndb_struct_na_base_pair_step.tip 
_ndb_struct_na_base_pair_step.helical_twist 
_ndb_struct_na_base_pair_step.step_number 
_ndb_struct_na_base_pair_step.step_name 
_ndb_struct_na_base_pair_step.i_auth_asym_id_1 
_ndb_struct_na_base_pair_step.i_auth_seq_id_1 
_ndb_struct_na_base_pair_step.i_PDB_ins_code_1 
_ndb_struct_na_base_pair_step.j_auth_asym_id_1 
_ndb_struct_na_base_pair_step.j_auth_seq_id_1 
_ndb_struct_na_base_pair_step.j_PDB_ins_code_1 
_ndb_struct_na_base_pair_step.i_auth_asym_id_2 
_ndb_struct_na_base_pair_step.i_auth_seq_id_2 
_ndb_struct_na_base_pair_step.i_PDB_ins_code_2 
_ndb_struct_na_base_pair_step.j_auth_asym_id_2 
_ndb_struct_na_base_pair_step.j_auth_seq_id_2 
_ndb_struct_na_base_pair_step.j_PDB_ins_code_2 
1 A DG  1 1_555 A DC  8 8_665 A 2ST 2 1_555 A DA  7 8_665 0.304  -1.005 3.181 -0.247 11.919 30.236 -3.720 -0.583 2.606 21.813 
0.452  32.451 1 AA_DG12ST2:DA7DC8_AA A 1 ? A 8 ? A 2 ? A 7 ? 
1 A 2ST 2 1_555 A DA  7 8_665 A DG  3 1_555 A DC  6 8_665 0.722  -1.433 3.071 0.774  12.826 29.396 -4.576 -1.189 2.280 23.888 
-1.442 32.025 2 AA_2ST2DG3:DC6DA7_AA A 2 ? A 7 ? A 3 ? A 6 ? 
1 A DG  3 1_555 A DC  6 8_665 A DT  4 1_555 A DA  5 8_665 -0.423 -1.511 3.211 0.425  1.895  35.463 -2.746 0.754  3.123 3.108  
-0.696 35.514 3 AA_DG3DT4:DA5DC6_AA  A 3 ? A 6 ? A 4 ? A 5 ? 
1 A DT  4 1_555 A DA  5 8_665 A DA  5 1_555 A DT  4 8_665 0.000  -1.457 2.966 0.000  6.419  30.140 -3.823 0.000  2.608 12.171 
0.000  30.801 4 AA_DT4DA5:DT4DA5_AA  A 4 ? A 5 ? A 5 ? A 4 ? 
1 A DA  5 1_555 A DT  4 8_665 A DC  6 1_555 A DG  3 8_665 0.423  -1.511 3.211 -0.425 1.895  35.463 -2.746 -0.754 3.123 3.108  
0.696  35.514 5 AA_DA5DC6:DG3DT4_AA  A 5 ? A 4 ? A 6 ? A 3 ? 
1 A DC  6 1_555 A DG  3 8_665 A DA  7 1_555 A 2ST 2 8_665 -0.722 -1.433 3.071 -0.774 12.826 29.396 -4.576 1.189  2.280 23.888 
1.442  32.025 6 AA_DC6DA7:2ST2DG3_AA A 6 ? A 3 ? A 7 ? A 2 ? 
1 A DA  7 1_555 A 2ST 2 8_665 A DC  8 1_555 A DG  1 8_665 -0.304 -1.005 3.181 0.247  11.919 30.236 -3.720 0.583  2.606 21.813 
-0.452 32.451 7 AA_DA7DC8:DG12ST2_AA A 7 ? A 2 ? A 8 ? A 1 ? 
# 
_pdbx_entity_nonpoly.entity_id   2 
_pdbx_entity_nonpoly.name        water 
_pdbx_entity_nonpoly.comp_id     HOH 
# 
_pdbx_initial_refinement_model.id               1 
_pdbx_initial_refinement_model.entity_id_list   ? 
_pdbx_initial_refinement_model.type             'experimental model' 
_pdbx_initial_refinement_model.source_name      PDB 
_pdbx_initial_refinement_model.accession_code   1Z7I 
_pdbx_initial_refinement_model.details          'pdb entry 1Z7I' 
# 
